data_7BJY
#
_entry.id   7BJY
#
_cell.length_a   57.040
_cell.length_b   57.040
_cell.length_c   407.870
_cell.angle_alpha   90.000
_cell.angle_beta   90.000
_cell.angle_gamma   120.000
#
_symmetry.space_group_name_H-M   'P 61 2 2'
#
loop_
_entity.id
_entity.type
_entity.pdbx_description
1 polymer 'Isoform 2 of Bromodomain testis-specific protein'
2 non-polymer 4-[(9-cyclopentyl-7,7-difluoro-5-methyl-6-oxo-6,7,8,9-tetrahydro-5H-pyrimido[4,5-b][1,4]diazepin-2-yl)amino]-3-methoxy-N-(1-methylpiperidin-4-yl)benzamide
3 non-polymer 1,2-ETHANEDIOL
4 water water
#
_entity_poly.entity_id   1
_entity_poly.type   'polypeptide(L)'
_entity_poly.pdbx_seq_one_letter_code
;GAASTNQLQYLQKVVLKDLWKHSFSWPFQRPVDAVKLQLPDYYTIIKNPMDLNTIKKRLENKYYAKASECIEDFNTMFSN
CYLYNKPGDDIVLMAQALEKLFMQKLSQMPQEE
;
_entity_poly.pdbx_strand_id   A,B
#
loop_
_chem_comp.id
_chem_comp.type
_chem_comp.name
_chem_comp.formula
79C non-polymer 4-[(9-cyclopentyl-7,7-difluoro-5-methyl-6-oxo-6,7,8,9-tetrahydro-5H-pyrimido[4,5-b][1,4]diazepin-2-yl)amino]-3-methoxy-N-(1-methylpiperidin-4-yl)benzamide 'C27 H35 F2 N7 O3'
EDO non-polymer 1,2-ETHANEDIOL 'C2 H6 O2'
#
# COMPACT_ATOMS: atom_id res chain seq x y z
N THR A 5 18.18 6.29 6.24
CA THR A 5 17.23 7.08 5.47
C THR A 5 17.94 8.02 4.50
N ASN A 6 19.25 8.27 4.70
CA ASN A 6 19.97 9.24 3.87
C ASN A 6 19.92 8.85 2.39
N GLN A 7 20.32 7.61 2.08
CA GLN A 7 20.11 7.09 0.72
C GLN A 7 18.63 7.03 0.39
N LEU A 8 17.80 6.59 1.33
CA LEU A 8 16.36 6.57 1.08
C LEU A 8 15.84 7.99 0.84
N GLN A 9 16.37 8.97 1.58
CA GLN A 9 16.01 10.37 1.32
C GLN A 9 16.36 10.75 -0.11
N TYR A 10 17.57 10.38 -0.56
CA TYR A 10 17.99 10.74 -1.90
C TYR A 10 17.14 10.05 -2.95
N LEU A 11 16.70 8.81 -2.67
CA LEU A 11 15.84 8.10 -3.61
C LEU A 11 14.51 8.83 -3.78
N GLN A 12 13.98 9.38 -2.69
CA GLN A 12 12.68 10.02 -2.77
C GLN A 12 12.80 11.45 -3.29
N LYS A 13 13.74 12.21 -2.75
CA LYS A 13 13.83 13.63 -3.04
C LYS A 13 14.59 13.91 -4.33
N VAL A 14 15.41 12.98 -4.80
CA VAL A 14 16.13 13.23 -6.04
C VAL A 14 15.71 12.23 -7.10
N VAL A 15 15.91 10.94 -6.85
CA VAL A 15 15.73 9.97 -7.92
C VAL A 15 14.27 9.90 -8.36
N LEU A 16 13.36 9.67 -7.42
CA LEU A 16 11.95 9.57 -7.77
C LEU A 16 11.47 10.87 -8.40
N LYS A 17 11.79 12.02 -7.77
CA LYS A 17 11.34 13.30 -8.31
C LYS A 17 11.84 13.50 -9.74
N ASP A 18 13.12 13.24 -9.99
CA ASP A 18 13.62 13.40 -11.35
C ASP A 18 12.94 12.43 -12.32
N LEU A 19 12.73 11.18 -11.91
CA LEU A 19 12.11 10.22 -12.83
C LEU A 19 10.68 10.62 -13.16
N TRP A 20 9.92 11.05 -12.15
CA TRP A 20 8.53 11.43 -12.39
C TRP A 20 8.39 12.60 -13.36
N LYS A 21 9.37 13.50 -13.39
CA LYS A 21 9.20 14.72 -14.17
C LYS A 21 9.34 14.47 -15.66
N HIS A 22 9.93 13.34 -16.05
CA HIS A 22 10.09 13.04 -17.46
C HIS A 22 8.74 12.72 -18.08
N SER A 23 8.42 13.42 -19.16
CA SER A 23 7.09 13.29 -19.74
C SER A 23 6.77 11.84 -20.10
N PHE A 24 7.76 11.08 -20.55
CA PHE A 24 7.49 9.71 -20.97
C PHE A 24 7.48 8.72 -19.79
N SER A 25 7.46 9.22 -18.55
CA SER A 25 7.20 8.34 -17.43
C SER A 25 5.71 8.07 -17.23
N TRP A 26 4.83 8.74 -17.99
CA TRP A 26 3.40 8.64 -17.67
C TRP A 26 2.88 7.21 -17.63
N PRO A 27 3.26 6.27 -18.53
CA PRO A 27 2.73 4.91 -18.38
C PRO A 27 3.06 4.27 -17.06
N PHE A 28 4.12 4.74 -16.39
CA PHE A 28 4.59 4.09 -15.17
C PHE A 28 4.16 4.81 -13.89
N GLN A 29 3.32 5.85 -13.98
CA GLN A 29 2.93 6.56 -12.77
C GLN A 29 1.73 5.91 -12.08
N ARG A 30 1.11 4.91 -12.70
CA ARG A 30 -0.02 4.17 -12.16
C ARG A 30 0.20 2.68 -12.40
N PRO A 31 -0.28 1.83 -11.51
CA PRO A 31 -0.21 0.39 -11.77
C PRO A 31 -0.86 0.03 -13.09
N VAL A 32 -0.29 -0.98 -13.75
CA VAL A 32 -0.85 -1.47 -15.01
C VAL A 32 -2.27 -1.97 -14.77
N ASP A 33 -3.25 -1.34 -15.44
CA ASP A 33 -4.63 -1.85 -15.40
C ASP A 33 -4.79 -2.83 -16.55
N ALA A 34 -4.55 -4.11 -16.26
CA ALA A 34 -4.53 -5.12 -17.32
C ALA A 34 -5.90 -5.29 -17.98
N VAL A 35 -6.98 -5.11 -17.22
CA VAL A 35 -8.31 -5.29 -17.82
C VAL A 35 -8.61 -4.15 -18.79
N LYS A 36 -8.51 -2.90 -18.31
CA LYS A 36 -8.79 -1.78 -19.21
C LYS A 36 -7.84 -1.75 -20.40
N LEU A 37 -6.60 -2.21 -20.20
CA LEU A 37 -5.68 -2.25 -21.33
C LEU A 37 -5.88 -3.48 -22.20
N GLN A 38 -6.77 -4.40 -21.80
CA GLN A 38 -6.97 -5.66 -22.53
C GLN A 38 -5.64 -6.36 -22.73
N LEU A 39 -5.00 -6.68 -21.61
CA LEU A 39 -3.70 -7.34 -21.67
C LEU A 39 -3.86 -8.78 -21.25
N PRO A 40 -3.63 -9.71 -22.18
CA PRO A 40 -3.87 -11.12 -21.91
C PRO A 40 -2.71 -11.74 -21.14
N ASP A 41 -3.05 -12.38 -20.03
CA ASP A 41 -2.10 -13.10 -19.20
C ASP A 41 -1.06 -12.17 -18.59
N TYR A 42 -1.34 -10.87 -18.49
CA TYR A 42 -0.40 -9.97 -17.82
C TYR A 42 -0.14 -10.43 -16.40
N TYR A 43 -1.21 -10.72 -15.66
CA TYR A 43 -1.08 -11.09 -14.26
C TYR A 43 -0.56 -12.50 -14.07
N THR A 44 -0.66 -13.35 -15.10
CA THR A 44 -0.03 -14.66 -15.08
C THR A 44 1.49 -14.52 -15.27
N ILE A 45 1.89 -13.61 -16.16
CA ILE A 45 3.31 -13.44 -16.51
C ILE A 45 4.03 -12.56 -15.49
N ILE A 46 3.38 -11.50 -15.03
CA ILE A 46 3.97 -10.53 -14.10
C ILE A 46 3.33 -10.78 -12.74
N LYS A 47 4.06 -11.43 -11.85
CA LYS A 47 3.49 -11.73 -10.55
C LYS A 47 3.80 -10.67 -9.49
N ASN A 48 4.75 -9.77 -9.75
CA ASN A 48 5.03 -8.67 -8.84
C ASN A 48 4.89 -7.35 -9.59
N PRO A 49 3.65 -6.90 -9.88
CA PRO A 49 3.50 -5.58 -10.50
C PRO A 49 4.11 -4.50 -9.64
N MET A 50 4.67 -3.48 -10.28
CA MET A 50 5.27 -2.38 -9.55
C MET A 50 5.23 -1.15 -10.44
N ASP A 51 5.16 0.02 -9.81
CA ASP A 51 4.96 1.27 -10.53
C ASP A 51 5.46 2.41 -9.65
N LEU A 52 5.60 3.59 -10.28
CA LEU A 52 6.18 4.73 -9.58
C LEU A 52 5.28 5.26 -8.47
N ASN A 53 3.96 5.25 -8.67
CA ASN A 53 3.11 5.74 -7.59
C ASN A 53 3.28 4.90 -6.35
N THR A 54 3.30 3.57 -6.50
CA THR A 54 3.46 2.71 -5.33
C THR A 54 4.80 2.97 -4.65
N ILE A 55 5.85 3.18 -5.44
CA ILE A 55 7.15 3.50 -4.87
C ILE A 55 7.08 4.82 -4.10
N LYS A 56 6.36 5.81 -4.66
CA LYS A 56 6.14 7.08 -3.96
C LYS A 56 5.47 6.86 -2.61
N LYS A 57 4.36 6.11 -2.59
CA LYS A 57 3.66 5.88 -1.34
C LYS A 57 4.56 5.12 -0.36
N ARG A 58 5.20 4.04 -0.81
CA ARG A 58 6.10 3.29 0.06
C ARG A 58 7.19 4.20 0.64
N LEU A 59 7.72 5.11 -0.17
CA LEU A 59 8.73 6.02 0.39
C LEU A 59 8.10 7.04 1.31
N GLU A 60 6.87 7.49 1.02
CA GLU A 60 6.16 8.42 1.88
C GLU A 60 5.83 7.77 3.22
N ASN A 61 5.56 6.47 3.21
CA ASN A 61 5.13 5.73 4.38
C ASN A 61 6.29 5.01 5.06
N LYS A 62 7.51 5.25 4.61
CA LYS A 62 8.70 4.60 5.17
C LYS A 62 8.49 3.09 5.24
N TYR A 63 7.93 2.55 4.16
CA TYR A 63 7.86 1.11 3.94
C TYR A 63 9.23 0.46 3.92
N TYR A 64 10.25 1.18 3.43
CA TYR A 64 11.58 0.61 3.21
C TYR A 64 12.49 0.79 4.41
N ALA A 65 13.18 -0.29 4.80
CA ALA A 65 14.23 -0.19 5.81
C ALA A 65 15.54 0.23 5.20
N LYS A 66 15.89 -0.29 4.03
CA LYS A 66 17.17 -0.03 3.41
C LYS A 66 16.96 0.43 1.98
N ALA A 67 17.88 1.25 1.48
CA ALA A 67 17.82 1.70 0.10
C ALA A 67 17.67 0.56 -0.88
N SER A 68 18.30 -0.60 -0.60
CA SER A 68 18.34 -1.68 -1.57
C SER A 68 16.94 -2.17 -1.94
N GLU A 69 16.03 -2.27 -0.96
CA GLU A 69 14.66 -2.70 -1.27
C GLU A 69 14.02 -1.75 -2.28
N CYS A 70 14.25 -0.45 -2.09
CA CYS A 70 13.68 0.55 -2.98
C CYS A 70 14.27 0.44 -4.38
N ILE A 71 15.59 0.23 -4.48
CA ILE A 71 16.20 0.05 -5.80
C ILE A 71 15.57 -1.16 -6.51
N GLU A 72 15.42 -2.26 -5.78
CA GLU A 72 14.78 -3.45 -6.36
C GLU A 72 13.37 -3.15 -6.89
N ASP A 73 12.63 -2.28 -6.19
CA ASP A 73 11.31 -1.90 -6.70
C ASP A 73 11.39 -1.13 -8.03
N PHE A 74 12.30 -0.16 -8.13
CA PHE A 74 12.53 0.48 -9.42
C PHE A 74 12.86 -0.55 -10.51
N ASN A 75 13.75 -1.50 -10.21
CA ASN A 75 14.16 -2.46 -11.23
C ASN A 75 13.03 -3.40 -11.61
N THR A 76 12.25 -3.81 -10.62
CA THR A 76 11.11 -4.68 -10.91
C THR A 76 10.16 -3.99 -11.88
N MET A 77 9.93 -2.70 -11.69
CA MET A 77 9.05 -1.98 -12.61
C MET A 77 9.61 -2.05 -14.03
N PHE A 78 10.91 -1.86 -14.17
CA PHE A 78 11.50 -1.93 -15.50
C PHE A 78 11.46 -3.36 -16.02
N SER A 79 11.86 -4.33 -15.20
CA SER A 79 12.04 -5.65 -15.78
C SER A 79 10.69 -6.30 -16.07
N ASN A 80 9.65 -5.96 -15.29
CA ASN A 80 8.29 -6.34 -15.66
C ASN A 80 7.99 -5.89 -17.08
N CYS A 81 8.32 -4.65 -17.39
CA CYS A 81 8.01 -4.14 -18.74
C CYS A 81 8.82 -4.87 -19.80
N TYR A 82 10.10 -5.16 -19.53
CA TYR A 82 10.94 -5.83 -20.54
C TYR A 82 10.50 -7.27 -20.75
N LEU A 83 9.97 -7.91 -19.71
CA LEU A 83 9.59 -9.31 -19.83
C LEU A 83 8.27 -9.45 -20.56
N TYR A 84 7.27 -8.61 -20.24
CA TYR A 84 5.96 -8.81 -20.85
C TYR A 84 5.93 -8.36 -22.30
N ASN A 85 6.68 -7.33 -22.66
CA ASN A 85 6.66 -6.79 -24.01
C ASN A 85 7.87 -7.29 -24.79
N LYS A 86 8.12 -6.70 -25.98
CA LYS A 86 9.12 -7.08 -26.97
C LYS A 86 10.12 -5.94 -27.18
N PRO A 87 11.34 -6.25 -27.59
CA PRO A 87 12.30 -5.20 -27.98
C PRO A 87 11.74 -4.32 -29.09
N GLY A 88 12.02 -3.03 -29.00
CA GLY A 88 11.56 -2.09 -30.00
C GLY A 88 10.19 -1.51 -29.75
N ASP A 89 9.39 -2.13 -28.88
CA ASP A 89 8.08 -1.57 -28.55
C ASP A 89 8.23 -0.19 -27.93
N ASP A 90 7.28 0.70 -28.26
CA ASP A 90 7.17 2.00 -27.59
C ASP A 90 7.37 1.90 -26.08
N ILE A 91 6.52 1.12 -25.40
CA ILE A 91 6.60 1.04 -23.95
C ILE A 91 8.01 0.61 -23.49
N VAL A 92 8.68 -0.26 -24.26
CA VAL A 92 10.05 -0.66 -23.90
C VAL A 92 11.01 0.48 -24.15
N LEU A 93 10.81 1.23 -25.22
CA LEU A 93 11.70 2.36 -25.48
C LEU A 93 11.59 3.38 -24.37
N MET A 94 10.39 3.55 -23.84
CA MET A 94 10.20 4.49 -22.73
C MET A 94 10.88 3.97 -21.47
N ALA A 95 10.69 2.68 -21.16
CA ALA A 95 11.30 2.14 -19.95
C ALA A 95 12.82 2.23 -20.04
N GLN A 96 13.37 1.91 -21.21
CA GLN A 96 14.83 1.93 -21.39
C GLN A 96 15.38 3.33 -21.19
N ALA A 97 14.71 4.35 -21.72
CA ALA A 97 15.21 5.70 -21.50
C ALA A 97 15.05 6.10 -20.04
N LEU A 98 13.96 5.68 -19.41
CA LEU A 98 13.77 5.99 -17.99
C LEU A 98 14.84 5.32 -17.15
N GLU A 99 15.18 4.07 -17.47
CA GLU A 99 16.18 3.38 -16.65
C GLU A 99 17.57 4.02 -16.82
N LYS A 100 17.91 4.44 -18.04
CA LYS A 100 19.18 5.13 -18.23
C LYS A 100 19.26 6.37 -17.35
N LEU A 101 18.16 7.11 -17.27
CA LEU A 101 18.13 8.29 -16.43
C LEU A 101 18.10 7.93 -14.94
N PHE A 102 17.46 6.82 -14.59
CA PHE A 102 17.53 6.26 -13.24
C PHE A 102 18.98 5.98 -12.83
N MET A 103 19.67 5.15 -13.62
CA MET A 103 21.04 4.77 -13.31
C MET A 103 21.93 6.00 -13.11
N GLN A 104 21.68 7.05 -13.88
CA GLN A 104 22.56 8.22 -13.80
C GLN A 104 22.38 8.96 -12.47
N LYS A 105 21.14 9.24 -12.08
CA LYS A 105 20.91 9.89 -10.79
C LYS A 105 21.33 8.97 -9.64
N LEU A 106 21.06 7.68 -9.75
CA LEU A 106 21.49 6.75 -8.71
C LEU A 106 23.01 6.74 -8.57
N SER A 107 23.74 6.89 -9.67
CA SER A 107 25.20 6.89 -9.55
C SER A 107 25.75 8.10 -8.76
N GLN A 108 24.91 9.07 -8.43
CA GLN A 108 25.34 10.22 -7.63
C GLN A 108 24.76 10.19 -6.22
N MET A 109 24.08 9.10 -5.85
CA MET A 109 23.57 8.95 -4.51
C MET A 109 24.72 9.02 -3.50
N PRO A 110 24.47 9.57 -2.31
CA PRO A 110 25.48 9.53 -1.24
C PRO A 110 26.03 8.13 -1.00
N GLN A 111 27.35 8.04 -0.93
CA GLN A 111 28.04 6.77 -0.78
C GLN A 111 27.76 6.16 0.58
N GLU A 112 28.21 4.92 0.74
CA GLU A 112 28.17 4.17 1.99
C GLU A 112 26.73 3.85 2.39
N GLY B 1 -7.57 -14.29 -6.90
CA GLY B 1 -7.71 -14.15 -8.33
C GLY B 1 -7.06 -12.87 -8.84
N ALA B 2 -7.19 -12.59 -10.14
CA ALA B 2 -6.68 -11.35 -10.70
C ALA B 2 -7.55 -10.15 -10.36
N ALA B 3 -8.76 -10.39 -9.84
CA ALA B 3 -9.66 -9.35 -9.35
C ALA B 3 -9.59 -9.19 -7.84
N SER B 4 -8.54 -9.72 -7.21
CA SER B 4 -8.19 -9.27 -5.86
C SER B 4 -7.92 -7.78 -5.88
N THR B 5 -7.35 -7.28 -7.00
CA THR B 5 -7.08 -5.86 -7.15
C THR B 5 -8.37 -5.04 -7.03
N ASN B 6 -9.46 -5.51 -7.62
CA ASN B 6 -10.70 -4.76 -7.55
C ASN B 6 -11.34 -4.86 -6.18
N GLN B 7 -11.26 -6.03 -5.54
CA GLN B 7 -11.70 -6.13 -4.15
C GLN B 7 -10.85 -5.25 -3.26
N LEU B 8 -9.54 -5.20 -3.50
CA LEU B 8 -8.68 -4.34 -2.70
C LEU B 8 -8.93 -2.87 -2.99
N GLN B 9 -9.37 -2.54 -4.21
CA GLN B 9 -9.73 -1.15 -4.46
C GLN B 9 -10.99 -0.78 -3.68
N TYR B 10 -11.96 -1.69 -3.67
CA TYR B 10 -13.21 -1.45 -2.96
C TYR B 10 -12.97 -1.32 -1.46
N LEU B 11 -12.12 -2.17 -0.89
CA LEU B 11 -11.73 -2.01 0.51
C LEU B 11 -11.10 -0.64 0.76
N GLN B 12 -10.28 -0.17 -0.18
CA GLN B 12 -9.58 1.09 0.07
C GLN B 12 -10.48 2.29 -0.12
N LYS B 13 -11.25 2.31 -1.20
CA LYS B 13 -11.96 3.53 -1.57
C LYS B 13 -13.39 3.58 -1.05
N VAL B 14 -13.98 2.44 -0.70
CA VAL B 14 -15.30 2.38 -0.08
C VAL B 14 -15.22 2.05 1.41
N VAL B 15 -14.72 0.85 1.75
CA VAL B 15 -14.82 0.38 3.13
C VAL B 15 -14.03 1.29 4.07
N LEU B 16 -12.73 1.42 3.81
CA LEU B 16 -11.84 2.22 4.65
C LEU B 16 -12.37 3.64 4.84
N LYS B 17 -12.69 4.32 3.73
CA LYS B 17 -13.02 5.73 3.88
C LYS B 17 -14.36 5.90 4.57
N ASP B 18 -15.30 4.98 4.38
CA ASP B 18 -16.57 5.04 5.12
C ASP B 18 -16.33 4.90 6.63
N LEU B 19 -15.51 3.92 7.03
CA LEU B 19 -15.20 3.77 8.45
C LEU B 19 -14.52 5.01 9.01
N TRP B 20 -13.61 5.59 8.22
CA TRP B 20 -12.78 6.69 8.68
C TRP B 20 -13.61 7.94 8.93
N LYS B 21 -14.59 8.19 8.08
CA LYS B 21 -15.40 9.37 8.25
C LYS B 21 -16.41 9.21 9.37
N HIS B 22 -16.72 7.97 9.74
CA HIS B 22 -17.61 7.71 10.87
C HIS B 22 -17.09 8.39 12.12
N SER B 23 -17.98 9.06 12.85
CA SER B 23 -17.57 9.86 14.00
C SER B 23 -16.99 9.04 15.14
N PHE B 24 -17.08 7.72 15.14
CA PHE B 24 -16.48 6.90 16.19
C PHE B 24 -15.11 6.35 15.82
N SER B 25 -14.56 6.74 14.66
CA SER B 25 -13.32 6.19 14.16
C SER B 25 -12.07 6.81 14.78
N TRP B 26 -12.20 7.96 15.44
CA TRP B 26 -11.00 8.69 15.83
C TRP B 26 -10.10 7.93 16.82
N PRO B 27 -10.60 7.13 17.77
CA PRO B 27 -9.66 6.32 18.57
C PRO B 27 -8.84 5.34 17.74
N PHE B 28 -9.30 5.03 16.53
CA PHE B 28 -8.72 3.96 15.72
C PHE B 28 -7.95 4.46 14.51
N GLN B 29 -7.81 5.78 14.36
CA GLN B 29 -7.08 6.31 13.21
C GLN B 29 -5.57 6.28 13.40
N ARG B 30 -5.07 6.02 14.60
CA ARG B 30 -3.65 5.93 14.87
C ARG B 30 -3.37 4.70 15.72
N PRO B 31 -2.16 4.15 15.65
CA PRO B 31 -1.82 3.07 16.58
C PRO B 31 -2.00 3.57 18.00
N VAL B 32 -2.50 2.68 18.87
CA VAL B 32 -2.67 3.01 20.28
C VAL B 32 -1.37 3.57 20.84
N ASP B 33 -1.39 4.83 21.27
CA ASP B 33 -0.27 5.40 22.01
C ASP B 33 -0.36 4.96 23.46
N ALA B 34 0.44 3.96 23.81
CA ALA B 34 0.40 3.42 25.16
C ALA B 34 0.81 4.46 26.19
N VAL B 35 1.80 5.30 25.88
CA VAL B 35 2.35 6.18 26.91
C VAL B 35 1.44 7.39 27.14
N LYS B 36 0.97 8.05 26.06
CA LYS B 36 0.05 9.18 26.22
C LYS B 36 -1.26 8.73 26.87
N LEU B 37 -1.77 7.58 26.47
CA LEU B 37 -3.01 7.08 27.04
C LEU B 37 -2.79 6.47 28.42
N GLN B 38 -1.53 6.42 28.88
CA GLN B 38 -1.18 5.85 30.18
C GLN B 38 -1.67 4.41 30.31
N LEU B 39 -1.32 3.58 29.32
CA LEU B 39 -1.70 2.16 29.32
C LEU B 39 -0.44 1.32 29.21
N PRO B 40 0.34 1.20 30.29
CA PRO B 40 1.59 0.42 30.23
C PRO B 40 1.35 -1.07 29.97
N ASP B 41 0.12 -1.55 30.11
CA ASP B 41 -0.23 -2.95 29.95
C ASP B 41 -0.87 -3.29 28.60
N TYR B 42 -0.99 -2.34 27.67
CA TYR B 42 -1.70 -2.62 26.43
C TYR B 42 -0.95 -3.62 25.56
N TYR B 43 0.32 -3.32 25.23
CA TYR B 43 1.12 -4.21 24.40
C TYR B 43 1.60 -5.44 25.17
N THR B 44 1.32 -5.50 26.47
CA THR B 44 1.53 -6.76 27.17
C THR B 44 0.62 -7.83 26.59
N ILE B 45 -0.62 -7.48 26.26
CA ILE B 45 -1.58 -8.46 25.78
C ILE B 45 -1.82 -8.36 24.28
N ILE B 46 -1.73 -7.17 23.70
CA ILE B 46 -1.96 -6.98 22.28
C ILE B 46 -0.62 -7.20 21.59
N LYS B 47 -0.46 -8.36 20.94
CA LYS B 47 0.80 -8.66 20.27
C LYS B 47 0.78 -8.31 18.78
N ASN B 48 -0.40 -8.10 18.20
CA ASN B 48 -0.55 -7.71 16.80
C ASN B 48 -1.42 -6.47 16.75
N PRO B 49 -0.87 -5.32 17.10
CA PRO B 49 -1.67 -4.09 17.04
C PRO B 49 -2.02 -3.76 15.61
N MET B 50 -3.11 -3.00 15.44
CA MET B 50 -3.61 -2.69 14.11
C MET B 50 -4.57 -1.53 14.24
N ASP B 51 -4.59 -0.69 13.22
CA ASP B 51 -5.40 0.52 13.24
C ASP B 51 -5.72 0.90 11.81
N LEU B 52 -6.61 1.89 11.66
CA LEU B 52 -7.04 2.30 10.33
C LEU B 52 -5.89 2.93 9.55
N ASN B 53 -5.00 3.67 10.23
CA ASN B 53 -3.91 4.31 9.50
C ASN B 53 -2.95 3.26 8.96
N THR B 54 -2.62 2.25 9.77
CA THR B 54 -1.77 1.18 9.29
C THR B 54 -2.42 0.42 8.14
N ILE B 55 -3.73 0.23 8.20
CA ILE B 55 -4.42 -0.38 7.07
C ILE B 55 -4.34 0.55 5.86
N LYS B 56 -4.57 1.84 6.08
CA LYS B 56 -4.46 2.80 4.99
C LYS B 56 -3.09 2.73 4.32
N LYS B 57 -2.04 2.66 5.10
CA LYS B 57 -0.71 2.67 4.52
C LYS B 57 -0.42 1.37 3.79
N ARG B 58 -0.94 0.25 4.28
CA ARG B 58 -0.71 -1.03 3.62
C ARG B 58 -1.45 -1.09 2.30
N LEU B 59 -2.64 -0.49 2.24
CA LEU B 59 -3.33 -0.40 0.97
C LEU B 59 -2.56 0.50 0.00
N GLU B 60 -2.18 1.70 0.46
CA GLU B 60 -1.35 2.59 -0.36
C GLU B 60 -0.09 1.89 -0.82
N ASN B 61 0.54 1.12 0.07
CA ASN B 61 1.81 0.47 -0.23
C ASN B 61 1.68 -0.78 -1.10
N LYS B 62 0.46 -1.18 -1.48
CA LYS B 62 0.21 -2.46 -2.14
C LYS B 62 0.87 -3.59 -1.34
N TYR B 63 0.60 -3.58 -0.03
CA TYR B 63 1.13 -4.60 0.86
C TYR B 63 0.38 -5.91 0.71
N TYR B 64 -0.91 -5.87 0.38
CA TYR B 64 -1.72 -7.07 0.40
C TYR B 64 -1.69 -7.76 -0.96
N ALA B 65 -1.61 -9.09 -0.93
CA ALA B 65 -1.79 -9.91 -2.13
C ALA B 65 -3.26 -10.21 -2.40
N LYS B 66 -4.03 -10.53 -1.37
CA LYS B 66 -5.44 -10.85 -1.50
C LYS B 66 -6.26 -9.97 -0.57
N ALA B 67 -7.55 -9.85 -0.89
CA ALA B 67 -8.44 -9.06 -0.05
C ALA B 67 -8.58 -9.68 1.33
N SER B 68 -8.44 -11.01 1.45
CA SER B 68 -8.62 -11.65 2.75
C SER B 68 -7.62 -11.15 3.80
N GLU B 69 -6.41 -10.76 3.36
CA GLU B 69 -5.39 -10.25 4.27
C GLU B 69 -5.78 -8.89 4.83
N CYS B 70 -6.38 -8.04 3.98
CA CYS B 70 -6.81 -6.74 4.44
C CYS B 70 -8.00 -6.87 5.39
N ILE B 71 -8.99 -7.67 4.99
CA ILE B 71 -10.13 -7.96 5.86
C ILE B 71 -9.64 -8.48 7.19
N GLU B 72 -8.63 -9.35 7.16
CA GLU B 72 -8.07 -9.91 8.38
C GLU B 72 -7.52 -8.81 9.29
N ASP B 73 -6.90 -7.77 8.71
CA ASP B 73 -6.40 -6.66 9.51
C ASP B 73 -7.53 -5.83 10.12
N PHE B 74 -8.60 -5.56 9.36
CA PHE B 74 -9.76 -4.89 9.98
C PHE B 74 -10.25 -5.70 11.18
N ASN B 75 -10.39 -7.01 10.99
CA ASN B 75 -10.87 -7.86 12.07
C ASN B 75 -9.94 -7.84 13.26
N THR B 76 -8.64 -7.74 13.02
CA THR B 76 -7.67 -7.71 14.11
C THR B 76 -7.76 -6.41 14.90
N MET B 77 -7.98 -5.29 14.19
CA MET B 77 -8.25 -4.05 14.91
C MET B 77 -9.40 -4.21 15.89
N PHE B 78 -10.50 -4.83 15.45
CA PHE B 78 -11.66 -4.99 16.32
C PHE B 78 -11.36 -5.95 17.47
N SER B 79 -10.80 -7.13 17.18
CA SER B 79 -10.62 -8.07 18.28
C SER B 79 -9.59 -7.55 19.29
N ASN B 80 -8.61 -6.76 18.85
CA ASN B 80 -7.71 -6.12 19.82
C ASN B 80 -8.50 -5.30 20.82
N CYS B 81 -9.41 -4.47 20.31
CA CYS B 81 -10.21 -3.66 21.20
C CYS B 81 -11.06 -4.53 22.12
N TYR B 82 -11.68 -5.59 21.56
CA TYR B 82 -12.55 -6.45 22.35
C TYR B 82 -11.77 -7.26 23.37
N LEU B 83 -10.52 -7.64 23.04
CA LEU B 83 -9.72 -8.43 23.97
C LEU B 83 -9.22 -7.58 25.12
N TYR B 84 -8.80 -6.34 24.83
CA TYR B 84 -8.17 -5.53 25.88
C TYR B 84 -9.22 -4.87 26.79
N ASN B 85 -10.37 -4.48 26.27
CA ASN B 85 -11.33 -3.65 27.00
C ASN B 85 -12.56 -4.43 27.46
N LYS B 86 -13.05 -4.11 28.65
CA LYS B 86 -14.25 -4.73 29.18
C LYS B 86 -15.42 -4.61 28.19
N PRO B 87 -16.21 -5.67 28.02
CA PRO B 87 -17.46 -5.54 27.24
C PRO B 87 -18.29 -4.40 27.77
N GLY B 88 -18.85 -3.61 26.85
CA GLY B 88 -19.70 -2.51 27.23
C GLY B 88 -19.01 -1.19 27.44
N ASP B 89 -17.67 -1.18 27.60
CA ASP B 89 -16.91 0.06 27.68
C ASP B 89 -17.27 0.93 26.48
N ASP B 90 -17.12 2.25 26.60
CA ASP B 90 -17.47 3.10 25.46
C ASP B 90 -16.62 2.74 24.24
N ILE B 91 -15.33 2.45 24.45
CA ILE B 91 -14.46 2.17 23.31
C ILE B 91 -14.92 0.89 22.59
N VAL B 92 -15.44 -0.08 23.33
CA VAL B 92 -15.97 -1.29 22.71
C VAL B 92 -17.22 -0.97 21.91
N LEU B 93 -18.11 -0.13 22.46
CA LEU B 93 -19.31 0.23 21.73
C LEU B 93 -18.96 0.94 20.43
N MET B 94 -17.95 1.81 20.47
CA MET B 94 -17.50 2.46 19.26
C MET B 94 -16.99 1.43 18.24
N ALA B 95 -16.16 0.50 18.70
CA ALA B 95 -15.64 -0.52 17.78
C ALA B 95 -16.78 -1.31 17.17
N GLN B 96 -17.73 -1.74 17.99
CA GLN B 96 -18.84 -2.56 17.50
C GLN B 96 -19.67 -1.79 16.49
N ALA B 97 -19.88 -0.49 16.73
CA ALA B 97 -20.51 0.34 15.73
C ALA B 97 -19.72 0.36 14.43
N LEU B 98 -18.40 0.49 14.53
CA LEU B 98 -17.57 0.48 13.32
C LEU B 98 -17.62 -0.88 12.63
N GLU B 99 -17.65 -1.97 13.40
CA GLU B 99 -17.71 -3.31 12.81
C GLU B 99 -19.06 -3.60 12.14
N LYS B 100 -20.15 -3.08 12.69
CA LYS B 100 -21.43 -3.20 12.02
C LYS B 100 -21.35 -2.57 10.63
N LEU B 101 -20.84 -1.34 10.55
CA LEU B 101 -20.68 -0.67 9.26
C LEU B 101 -19.78 -1.46 8.33
N PHE B 102 -18.66 -1.95 8.86
CA PHE B 102 -17.70 -2.72 8.08
C PHE B 102 -18.37 -3.95 7.46
N MET B 103 -19.09 -4.72 8.26
CA MET B 103 -19.84 -5.87 7.75
C MET B 103 -20.81 -5.47 6.65
N GLN B 104 -21.64 -4.46 6.92
CA GLN B 104 -22.62 -4.04 5.91
C GLN B 104 -21.93 -3.60 4.61
N LYS B 105 -20.84 -2.85 4.73
CA LYS B 105 -20.18 -2.41 3.49
C LYS B 105 -19.40 -3.54 2.84
N LEU B 106 -18.81 -4.43 3.63
CA LEU B 106 -18.20 -5.63 3.06
C LEU B 106 -19.24 -6.48 2.35
N SER B 107 -20.45 -6.58 2.92
CA SER B 107 -21.51 -7.38 2.31
C SER B 107 -21.88 -6.91 0.90
N GLN B 108 -21.46 -5.69 0.51
CA GLN B 108 -21.80 -5.13 -0.78
C GLN B 108 -20.61 -5.10 -1.73
N MET B 109 -19.57 -5.86 -1.44
CA MET B 109 -18.42 -5.93 -2.33
C MET B 109 -18.78 -6.76 -3.56
N PRO B 110 -18.57 -6.24 -4.76
CA PRO B 110 -18.86 -7.03 -5.97
C PRO B 110 -18.03 -8.31 -6.02
N GLN B 111 -18.49 -9.25 -6.85
CA GLN B 111 -17.98 -10.61 -6.81
C GLN B 111 -16.49 -10.68 -7.19
N GLU B 112 -16.05 -9.82 -8.11
CA GLU B 112 -14.66 -9.82 -8.55
C GLU B 112 -14.32 -8.52 -9.26
C4 79C C . -3.52 4.22 -22.62
C5 79C C . -3.01 3.91 -23.87
C6 79C C . -1.87 3.12 -23.96
C7 79C C . -1.25 2.64 -22.81
C8 79C C . -1.77 2.97 -21.56
C10 79C C . -0.09 1.64 -20.10
C13 79C C . 1.97 -0.05 -19.61
C15 79C C . 4.15 -0.31 -18.48
C21 79C C . 2.16 -2.37 -21.89
C24 79C C . -0.27 -1.05 -23.63
C26 79C C . 1.23 -1.52 -25.49
C28 79C C . 1.25 -0.12 -20.81
C1 79C C . -2.77 5.02 -19.41
O2 79C C . -3.42 4.06 -20.20
C3 79C C . -2.90 3.76 -21.46
N9 79C C . -1.20 2.53 -20.30
N11 79C C . 0.57 1.74 -18.95
C12 79C C . 1.58 0.93 -18.68
N14 79C C . 3.11 -0.92 -19.29
C16 79C C . 3.34 -2.30 -19.67
O17 79C C . 4.34 -2.89 -19.35
C18 79C C . 2.27 -2.97 -20.50
F19 79C C . 2.51 -4.31 -20.57
F20 79C C . 1.08 -2.78 -19.84
N22 79C C . 1.48 -1.09 -21.92
C23 79C C . 1.22 -0.60 -23.27
C25 79C C . -0.29 -1.08 -25.00
C27 79C C . 2.11 -1.14 -24.49
N29 79C C . 0.22 0.73 -21.00
C30 79C C . -3.71 4.43 -25.15
O31 79C C . -4.89 4.57 -25.11
N32 79C C . -2.99 4.76 -26.38
C33 79C C . -3.72 5.24 -27.57
C34 79C C . -3.03 4.84 -28.79
C35 79C C . -2.26 5.96 -29.50
N36 79C C . -3.08 7.12 -29.70
C37 79C C . -2.44 7.95 -30.30
C38 79C C . -3.51 7.65 -28.43
C39 79C C . -4.14 6.63 -27.48
C4 79C D . -8.87 10.25 24.94
C5 79C D . -10.05 9.64 25.38
C6 79C D . -10.41 8.38 24.92
C7 79C D . -9.59 7.74 24.03
C8 79C D . -8.39 8.31 23.56
C10 79C D . -7.66 6.18 22.40
C13 79C D . -8.01 3.50 22.10
C15 79C D . -8.68 1.67 20.60
C21 79C D . -8.60 2.21 25.10
C24 79C D . -8.67 4.90 26.36
C26 79C D . -10.33 3.71 27.68
C28 79C D . -8.42 4.12 23.27
C1 79C D . -6.87 10.66 22.25
O2 79C D . -6.85 10.18 23.57
C3 79C D . -8.05 9.58 24.02
N9 79C D . -7.52 7.60 22.62
N11 79C D . -7.28 5.61 21.25
C12 79C D . -7.43 4.30 21.07
N14 79C D . -8.22 2.07 21.92
C16 79C D . -8.08 1.03 22.90
O17 79C D . -8.34 -0.08 22.61
C18 79C D . -7.58 1.43 24.29
F19 79C D . -6.45 2.17 24.09
F20 79C D . -7.23 0.34 25.02
N22 79C D . -9.02 3.43 24.45
C23 79C D . -9.78 4.27 25.40
C25 79C D . -9.25 4.96 27.60
C27 79C D . -10.81 3.56 26.40
N29 79C D . -8.20 5.45 23.36
C30 79C D . -10.98 10.32 26.37
O31 79C D . -10.74 11.43 26.71
N32 79C D . -12.12 9.55 26.88
C33 79C D . -13.11 10.05 27.85
C34 79C D . -12.61 9.85 29.18
C35 79C D . -13.72 10.06 30.20
N36 79C D . -14.56 11.19 29.90
C37 79C D . -14.85 11.79 30.90
C38 79C D . -14.09 12.08 28.85
C39 79C D . -13.45 11.42 27.63
C1 EDO E . -0.90 10.78 7.65
O1 EDO E . -1.17 9.48 7.11
C2 EDO E . 0.10 10.67 8.79
O2 EDO E . 0.87 9.47 8.65
C1 EDO F . -8.24 -15.64 0.14
O1 EDO F . -7.29 -16.57 -0.40
C2 EDO F . -9.11 -15.03 -0.96
O2 EDO F . -9.09 -13.59 -0.88
#